data_4BU9
#
_entry.id   4BU9
#
_cell.length_a   91.630
_cell.length_b   98.440
_cell.length_c   119.110
_cell.angle_alpha   90.00
_cell.angle_beta   90.00
_cell.angle_gamma   90.00
#
_symmetry.space_group_name_H-M   'C 2 2 21'
#
loop_
_entity.id
_entity.type
_entity.pdbx_description
1 polymer TANKYRASE-2
2 non-polymer 'ZINC ION'
3 non-polymer 'SULFATE ION'
4 non-polymer 2-(4-methoxyphenyl)-3,4-dihydroquinazolin-4-one
5 non-polymer GLYCEROL
6 non-polymer DI(HYDROXYETHYL)ETHER
7 water water
#
_entity_poly.entity_id   1
_entity_poly.type   'polypeptide(L)'
_entity_poly.pdbx_seq_one_letter_code
;MHHHHHHSSGVDLGTENLYFQSMLNTSGSGTILIDLSPDDKEFQSVEEEMQSTVREHRDGGHAGGIFNRYNILKIQKVCN
KKLWERYTHRRKEVSEENHNHANERMLFHGSPFVNAIIHKGFDERHAYIGGMFGAGIYFAENSSKSNQYVYGIGGGTGCP
VHKDRSCYICHRQLLFCRVTLGKSFLQFSAMKMAHSPPGHHSVTGRPSVNGLALAEYVIYRGEQAYPEYLITYQIMRPEG
;
_entity_poly.pdbx_strand_id   A,B
#
loop_
_chem_comp.id
_chem_comp.type
_chem_comp.name
_chem_comp.formula
08C non-polymer 2-(4-methoxyphenyl)-3,4-dihydroquinazolin-4-one 'C15 H12 N2 O2'
GOL non-polymer GLYCEROL 'C3 H8 O3'
PEG non-polymer DI(HYDROXYETHYL)ETHER 'C4 H10 O3'
SO4 non-polymer 'SULFATE ION' 'O4 S -2'
ZN non-polymer 'ZINC ION' 'Zn 2'
#
# COMPACT_ATOMS: atom_id res chain seq x y z
N GLY A 30 -34.10 -9.31 -12.04
CA GLY A 30 -34.08 -9.90 -13.39
C GLY A 30 -32.81 -10.67 -13.75
N THR A 31 -32.02 -11.07 -12.75
CA THR A 31 -30.80 -11.81 -13.03
C THR A 31 -31.05 -13.32 -13.09
N ILE A 32 -30.57 -13.95 -14.16
CA ILE A 32 -30.44 -15.40 -14.18
C ILE A 32 -28.99 -15.80 -14.35
N LEU A 33 -28.64 -16.92 -13.73
CA LEU A 33 -27.30 -17.48 -13.77
C LEU A 33 -27.31 -18.74 -14.58
N ILE A 34 -26.46 -18.79 -15.59
CA ILE A 34 -26.35 -19.95 -16.46
C ILE A 34 -25.04 -20.65 -16.19
N ASP A 35 -25.11 -21.90 -15.79
CA ASP A 35 -23.91 -22.71 -15.57
C ASP A 35 -23.18 -23.01 -16.86
N LEU A 36 -21.88 -22.80 -16.87
CA LEU A 36 -21.05 -23.25 -17.99
C LEU A 36 -20.52 -24.65 -17.75
N SER A 37 -20.54 -25.45 -18.81
CA SER A 37 -19.88 -26.74 -18.74
C SER A 37 -18.35 -26.62 -18.71
N PRO A 38 -17.66 -27.48 -17.94
CA PRO A 38 -16.19 -27.51 -18.02
C PRO A 38 -15.62 -27.82 -19.40
N ASP A 39 -16.44 -28.44 -20.27
CA ASP A 39 -16.04 -28.73 -21.64
C ASP A 39 -16.15 -27.54 -22.57
N ASP A 40 -16.76 -26.46 -22.10
CA ASP A 40 -17.05 -25.28 -22.92
C ASP A 40 -15.76 -24.47 -22.98
N LYS A 41 -15.40 -24.03 -24.18
CA LYS A 41 -14.19 -23.18 -24.35
C LYS A 41 -14.26 -21.92 -23.48
N GLU A 42 -15.47 -21.42 -23.28
CA GLU A 42 -15.68 -20.24 -22.45
C GLU A 42 -15.36 -20.50 -20.95
N PHE A 43 -15.76 -21.64 -20.43
CA PHE A 43 -15.34 -22.05 -19.08
C PHE A 43 -13.82 -22.09 -19.01
N GLN A 44 -13.21 -22.74 -20.00
CA GLN A 44 -11.78 -23.01 -19.98
C GLN A 44 -10.95 -21.72 -20.06
N SER A 45 -11.38 -20.76 -20.86
CA SER A 45 -10.64 -19.50 -20.97
C SER A 45 -10.75 -18.65 -19.68
N VAL A 46 -11.94 -18.65 -19.04
CA VAL A 46 -12.14 -17.96 -17.75
C VAL A 46 -11.29 -18.65 -16.65
N GLU A 47 -11.34 -19.98 -16.57
CA GLU A 47 -10.53 -20.68 -15.60
C GLU A 47 -9.04 -20.37 -15.80
N GLU A 48 -8.59 -20.35 -17.04
CA GLU A 48 -7.16 -20.09 -17.28
C GLU A 48 -6.75 -18.69 -16.81
N GLU A 49 -7.63 -17.71 -16.98
CA GLU A 49 -7.32 -16.36 -16.52
C GLU A 49 -7.28 -16.31 -15.01
N MET A 50 -8.18 -17.02 -14.36
CA MET A 50 -8.16 -17.12 -12.91
C MET A 50 -6.86 -17.74 -12.40
N GLN A 51 -6.48 -18.89 -12.94
CA GLN A 51 -5.35 -19.64 -12.42
C GLN A 51 -4.02 -18.92 -12.73
N SER A 52 -3.90 -18.40 -13.93
CA SER A 52 -2.63 -17.88 -14.44
C SER A 52 -2.27 -16.53 -13.84
N THR A 53 -3.22 -15.87 -13.15
CA THR A 53 -2.96 -14.55 -12.55
C THR A 53 -2.85 -14.59 -11.02
N VAL A 54 -2.65 -15.79 -10.46
CA VAL A 54 -2.24 -15.94 -9.07
C VAL A 54 -0.80 -15.46 -8.88
N ARG A 55 -0.56 -14.70 -7.82
CA ARG A 55 0.81 -14.35 -7.43
C ARG A 55 0.96 -14.44 -5.92
N GLU A 56 2.20 -14.33 -5.44
CA GLU A 56 2.44 -14.18 -4.01
C GLU A 56 2.20 -12.72 -3.62
N HIS A 57 1.77 -12.54 -2.39
CA HIS A 57 1.40 -11.23 -1.81
C HIS A 57 2.34 -10.88 -0.67
N ARG A 58 2.52 -9.58 -0.49
CA ARG A 58 3.50 -9.02 0.45
C ARG A 58 3.11 -9.29 1.90
N ASP A 59 1.86 -9.67 2.13
CA ASP A 59 1.42 -10.05 3.48
C ASP A 59 1.62 -11.50 3.88
N GLY A 60 2.32 -12.25 3.03
CA GLY A 60 2.62 -13.64 3.27
C GLY A 60 1.39 -14.53 3.32
N GLY A 61 0.27 -14.04 2.78
CA GLY A 61 -0.99 -14.79 2.80
C GLY A 61 -1.97 -14.37 3.88
N HIS A 62 -1.65 -13.32 4.64
CA HIS A 62 -2.47 -12.92 5.78
C HIS A 62 -3.93 -12.65 5.39
N ALA A 63 -4.15 -11.86 4.32
CA ALA A 63 -5.50 -11.46 3.97
C ALA A 63 -6.27 -12.53 3.22
N GLY A 64 -5.62 -13.13 2.23
CA GLY A 64 -6.29 -14.03 1.30
C GLY A 64 -6.03 -15.50 1.47
N GLY A 65 -5.07 -15.84 2.32
CA GLY A 65 -4.64 -17.21 2.47
C GLY A 65 -3.38 -17.60 1.71
N ILE A 66 -2.88 -18.80 2.04
CA ILE A 66 -1.69 -19.35 1.41
C ILE A 66 -2.03 -20.39 0.33
N PHE A 67 -1.72 -20.07 -0.91
CA PHE A 67 -2.04 -20.94 -2.04
C PHE A 67 -1.30 -20.50 -3.30
N ASN A 68 -1.15 -21.44 -4.23
CA ASN A 68 -0.62 -21.18 -5.55
C ASN A 68 -1.62 -21.35 -6.68
N ARG A 69 -2.77 -21.97 -6.38
CA ARG A 69 -3.75 -22.29 -7.38
C ARG A 69 -5.09 -22.51 -6.70
N TYR A 70 -6.13 -22.61 -7.52
CA TYR A 70 -7.49 -22.81 -7.05
C TYR A 70 -8.07 -24.15 -7.51
N ASN A 71 -9.09 -24.58 -6.78
CA ASN A 71 -9.99 -25.63 -7.26
C ASN A 71 -11.26 -24.91 -7.72
N ILE A 72 -11.47 -24.80 -9.03
CA ILE A 72 -12.65 -24.15 -9.56
C ILE A 72 -13.80 -25.14 -9.47
N LEU A 73 -14.87 -24.69 -8.84
CA LEU A 73 -16.04 -25.54 -8.57
C LEU A 73 -17.19 -25.26 -9.57
N LYS A 74 -17.37 -24.01 -9.94
CA LYS A 74 -18.42 -23.62 -10.85
C LYS A 74 -18.07 -22.29 -11.53
N ILE A 75 -18.46 -22.14 -12.80
CA ILE A 75 -18.44 -20.83 -13.46
C ILE A 75 -19.80 -20.60 -14.07
N GLN A 76 -20.45 -19.52 -13.65
CA GLN A 76 -21.75 -19.10 -14.18
C GLN A 76 -21.71 -17.76 -14.92
N LYS A 77 -22.45 -17.70 -16.03
CA LYS A 77 -22.68 -16.46 -16.74
CA LYS A 77 -22.69 -16.46 -16.75
C LYS A 77 -23.82 -15.69 -16.09
N VAL A 78 -23.60 -14.40 -15.88
CA VAL A 78 -24.58 -13.55 -15.22
C VAL A 78 -25.33 -12.80 -16.31
N CYS A 79 -26.65 -13.04 -16.39
CA CYS A 79 -27.49 -12.49 -17.45
CA CYS A 79 -27.48 -12.50 -17.46
C CYS A 79 -28.55 -11.58 -16.88
N ASN A 80 -28.47 -10.30 -17.19
CA ASN A 80 -29.46 -9.34 -16.77
C ASN A 80 -29.56 -8.23 -17.82
N LYS A 81 -30.69 -8.18 -18.50
CA LYS A 81 -30.81 -7.29 -19.66
C LYS A 81 -30.73 -5.81 -19.26
N LYS A 82 -31.44 -5.41 -18.21
CA LYS A 82 -31.39 -4.03 -17.73
C LYS A 82 -29.97 -3.59 -17.31
N LEU A 83 -29.26 -4.43 -16.57
CA LEU A 83 -27.90 -4.12 -16.12
C LEU A 83 -26.93 -4.04 -17.31
N TRP A 84 -27.11 -4.93 -18.27
CA TRP A 84 -26.29 -4.92 -19.49
C TRP A 84 -26.52 -3.63 -20.28
N GLU A 85 -27.79 -3.24 -20.43
CA GLU A 85 -28.09 -2.03 -21.18
C GLU A 85 -27.56 -0.78 -20.48
N ARG A 86 -27.59 -0.77 -19.15
CA ARG A 86 -26.99 0.30 -18.34
C ARG A 86 -25.48 0.40 -18.63
N TYR A 87 -24.81 -0.76 -18.63
CA TYR A 87 -23.37 -0.82 -18.99
C TYR A 87 -23.08 -0.30 -20.40
N THR A 88 -23.81 -0.79 -21.40
CA THR A 88 -23.48 -0.43 -22.80
C THR A 88 -23.81 1.04 -23.08
N HIS A 89 -24.85 1.58 -22.42
CA HIS A 89 -25.15 2.99 -22.51
C HIS A 89 -23.99 3.85 -22.05
N ARG A 90 -23.45 3.55 -20.87
CA ARG A 90 -22.30 4.30 -20.33
C ARG A 90 -21.06 4.08 -21.21
N ARG A 91 -20.88 2.86 -21.72
CA ARG A 91 -19.72 2.50 -22.53
C ARG A 91 -19.65 3.38 -23.79
N LYS A 92 -20.82 3.58 -24.41
CA LYS A 92 -20.92 4.43 -25.58
C LYS A 92 -20.61 5.89 -25.26
N GLU A 93 -21.11 6.39 -24.14
CA GLU A 93 -20.79 7.73 -23.67
C GLU A 93 -19.27 7.91 -23.52
N VAL A 94 -18.63 6.96 -22.82
CA VAL A 94 -17.19 7.03 -22.63
C VAL A 94 -16.44 6.94 -23.97
N SER A 95 -16.80 5.98 -24.84
CA SER A 95 -16.20 5.81 -26.16
CA SER A 95 -16.15 5.84 -26.13
CA SER A 95 -16.11 5.84 -26.11
C SER A 95 -16.22 7.13 -26.95
N GLU A 96 -17.39 7.77 -26.97
CA GLU A 96 -17.53 9.04 -27.71
C GLU A 96 -16.70 10.20 -27.15
N GLU A 97 -16.35 10.13 -25.86
CA GLU A 97 -15.45 11.09 -25.20
C GLU A 97 -13.96 10.74 -25.38
N ASN A 98 -13.67 9.63 -26.05
CA ASN A 98 -12.29 9.11 -26.12
C ASN A 98 -11.99 8.51 -27.48
N HIS A 99 -12.17 9.31 -28.54
CA HIS A 99 -11.92 8.85 -29.92
C HIS A 99 -12.38 7.41 -30.24
N ASN A 100 -13.64 7.15 -29.88
CA ASN A 100 -14.31 5.88 -30.15
C ASN A 100 -13.59 4.68 -29.54
N HIS A 101 -13.09 4.87 -28.33
CA HIS A 101 -12.30 3.83 -27.64
C HIS A 101 -12.74 3.74 -26.19
N ALA A 102 -13.54 2.71 -25.90
CA ALA A 102 -13.98 2.43 -24.53
C ALA A 102 -12.86 1.98 -23.59
N ASN A 103 -11.78 1.41 -24.15
CA ASN A 103 -10.68 0.86 -23.36
C ASN A 103 -11.26 -0.16 -22.37
N GLU A 104 -11.96 -1.15 -22.92
CA GLU A 104 -12.59 -2.18 -22.12
C GLU A 104 -11.67 -3.33 -21.78
N ARG A 105 -11.72 -3.75 -20.52
CA ARG A 105 -10.88 -4.81 -19.98
C ARG A 105 -11.78 -5.87 -19.31
N MET A 106 -11.24 -7.06 -19.11
CA MET A 106 -11.87 -8.07 -18.24
C MET A 106 -11.01 -8.19 -16.96
N LEU A 107 -11.62 -7.90 -15.81
CA LEU A 107 -10.87 -7.77 -14.56
C LEU A 107 -11.61 -8.46 -13.41
N PHE A 108 -10.86 -8.84 -12.39
CA PHE A 108 -11.44 -9.49 -11.21
C PHE A 108 -11.94 -8.51 -10.18
N HIS A 109 -13.00 -8.93 -9.47
CA HIS A 109 -13.55 -8.21 -8.33
C HIS A 109 -13.95 -9.18 -7.25
N GLY A 110 -13.41 -8.97 -6.04
CA GLY A 110 -13.77 -9.69 -4.84
C GLY A 110 -14.46 -8.77 -3.86
N SER A 111 -15.53 -9.26 -3.22
CA SER A 111 -16.31 -8.40 -2.36
C SER A 111 -17.24 -9.18 -1.45
N PRO A 112 -17.43 -8.72 -0.22
CA PRO A 112 -18.52 -9.33 0.56
C PRO A 112 -19.91 -9.12 -0.04
N PHE A 113 -20.04 -8.23 -1.00
CA PHE A 113 -21.34 -7.86 -1.57
C PHE A 113 -21.64 -8.52 -2.93
N VAL A 114 -20.92 -9.59 -3.26
CA VAL A 114 -21.07 -10.26 -4.56
C VAL A 114 -22.55 -10.59 -4.90
N ASN A 115 -23.33 -11.08 -3.93
CA ASN A 115 -24.76 -11.38 -4.20
CA ASN A 115 -24.75 -11.38 -4.19
C ASN A 115 -25.57 -10.15 -4.56
N ALA A 116 -25.37 -9.04 -3.87
CA ALA A 116 -26.06 -7.83 -4.22
C ALA A 116 -25.63 -7.33 -5.61
N ILE A 117 -24.35 -7.47 -5.94
CA ILE A 117 -23.84 -6.92 -7.19
C ILE A 117 -24.49 -7.63 -8.37
N ILE A 118 -24.61 -8.94 -8.30
CA ILE A 118 -25.07 -9.68 -9.47
C ILE A 118 -26.57 -9.47 -9.68
N HIS A 119 -27.29 -9.08 -8.63
CA HIS A 119 -28.75 -8.82 -8.76
C HIS A 119 -29.12 -7.38 -9.04
N LYS A 120 -28.32 -6.44 -8.52
CA LYS A 120 -28.65 -5.02 -8.57
C LYS A 120 -27.67 -4.17 -9.35
N GLY A 121 -26.50 -4.74 -9.65
CA GLY A 121 -25.47 -4.01 -10.37
C GLY A 121 -24.54 -3.32 -9.40
N PHE A 122 -23.38 -2.90 -9.91
CA PHE A 122 -22.47 -2.11 -9.10
C PHE A 122 -23.03 -0.70 -8.83
N ASP A 123 -22.81 -0.20 -7.62
CA ASP A 123 -23.10 1.20 -7.29
C ASP A 123 -22.23 1.69 -6.11
N GLU A 124 -22.47 2.92 -5.65
CA GLU A 124 -21.67 3.53 -4.57
C GLU A 124 -21.52 2.69 -3.29
N ARG A 125 -22.49 1.84 -2.97
CA ARG A 125 -22.40 0.96 -1.82
C ARG A 125 -21.31 -0.13 -1.94
N HIS A 126 -20.80 -0.31 -3.15
CA HIS A 126 -19.79 -1.34 -3.42
C HIS A 126 -18.37 -0.78 -3.52
N ALA A 127 -18.22 0.51 -3.25
CA ALA A 127 -16.92 1.18 -3.26
C ALA A 127 -16.07 0.85 -2.04
N TYR A 128 -14.76 0.92 -2.26
CA TYR A 128 -13.76 0.83 -1.22
C TYR A 128 -13.47 2.27 -0.76
N ILE A 129 -14.14 2.67 0.31
CA ILE A 129 -14.12 4.08 0.70
C ILE A 129 -12.67 4.49 1.06
N GLY A 130 -11.94 3.62 1.72
CA GLY A 130 -10.55 3.92 2.12
C GLY A 130 -9.46 3.52 1.16
N GLY A 131 -9.80 3.19 -0.10
CA GLY A 131 -8.79 2.79 -1.05
C GLY A 131 -7.76 3.87 -1.35
N MET A 132 -6.60 3.45 -1.83
CA MET A 132 -5.47 4.40 -2.01
C MET A 132 -5.65 5.39 -3.17
N PHE A 133 -6.61 5.11 -4.04
CA PHE A 133 -6.97 6.03 -5.12
C PHE A 133 -8.33 6.66 -4.92
N GLY A 134 -8.78 6.73 -3.66
CA GLY A 134 -10.02 7.37 -3.33
C GLY A 134 -11.18 6.40 -3.35
N ALA A 135 -12.35 6.92 -2.98
CA ALA A 135 -13.54 6.09 -2.84
C ALA A 135 -14.06 5.79 -4.24
N GLY A 136 -13.89 4.54 -4.65
CA GLY A 136 -14.34 4.10 -5.94
C GLY A 136 -14.44 2.60 -5.89
N ILE A 137 -14.77 1.98 -7.04
CA ILE A 137 -14.91 0.54 -7.13
C ILE A 137 -13.65 -0.02 -7.79
N TYR A 138 -13.02 -0.95 -7.07
CA TYR A 138 -11.66 -1.40 -7.38
C TYR A 138 -11.69 -2.78 -8.06
N PHE A 139 -10.80 -2.94 -9.04
CA PHE A 139 -10.66 -4.18 -9.81
C PHE A 139 -9.20 -4.56 -9.94
N ALA A 140 -8.93 -5.86 -10.16
CA ALA A 140 -7.56 -6.33 -10.28
C ALA A 140 -7.32 -7.22 -11.48
N GLU A 141 -6.15 -7.08 -12.10
CA GLU A 141 -5.63 -8.07 -13.05
C GLU A 141 -5.27 -9.41 -12.37
N ASN A 142 -4.70 -9.40 -11.18
CA ASN A 142 -4.37 -10.60 -10.44
C ASN A 142 -5.61 -11.11 -9.71
N SER A 143 -6.11 -12.30 -10.08
CA SER A 143 -7.21 -12.87 -9.32
C SER A 143 -6.91 -12.97 -7.82
N SER A 144 -5.65 -13.26 -7.46
CA SER A 144 -5.28 -13.38 -6.04
C SER A 144 -5.36 -12.08 -5.24
N LYS A 145 -5.24 -10.94 -5.91
CA LYS A 145 -5.50 -9.67 -5.27
C LYS A 145 -6.99 -9.54 -4.90
N SER A 146 -7.90 -9.78 -5.85
CA SER A 146 -9.34 -9.77 -5.55
C SER A 146 -9.73 -10.79 -4.47
N ASN A 147 -9.06 -11.94 -4.45
CA ASN A 147 -9.30 -12.96 -3.40
C ASN A 147 -9.09 -12.42 -1.99
N GLN A 148 -8.21 -11.42 -1.84
CA GLN A 148 -7.98 -10.82 -0.54
C GLN A 148 -9.19 -10.07 0.03
N TYR A 149 -10.22 -9.80 -0.80
CA TYR A 149 -11.36 -8.98 -0.42
C TYR A 149 -12.67 -9.77 -0.30
N VAL A 150 -12.63 -11.07 -0.60
CA VAL A 150 -13.81 -11.94 -0.59
CA VAL A 150 -13.89 -11.81 -0.62
C VAL A 150 -14.54 -11.88 0.76
N TYR A 151 -13.74 -11.90 1.84
CA TYR A 151 -14.27 -11.85 3.21
C TYR A 151 -14.16 -10.45 3.85
N GLY A 152 -13.93 -9.43 3.04
CA GLY A 152 -13.86 -8.06 3.47
C GLY A 152 -12.46 -7.50 3.32
N ILE A 153 -12.32 -6.22 3.68
CA ILE A 153 -11.03 -5.50 3.60
C ILE A 153 -10.04 -6.23 4.52
N GLY A 154 -8.85 -6.48 4.01
CA GLY A 154 -7.86 -7.22 4.79
C GLY A 154 -8.24 -8.68 5.05
N GLY A 155 -9.23 -9.19 4.32
CA GLY A 155 -9.74 -10.53 4.58
C GLY A 155 -10.71 -10.62 5.76
N GLY A 156 -11.02 -9.47 6.37
CA GLY A 156 -11.94 -9.42 7.52
C GLY A 156 -11.52 -10.41 8.58
N THR A 157 -12.48 -11.21 9.05
CA THR A 157 -12.20 -12.29 10.01
C THR A 157 -12.19 -13.66 9.34
N GLY A 158 -12.03 -13.70 8.01
CA GLY A 158 -12.04 -14.95 7.33
C GLY A 158 -13.43 -15.50 7.12
N CYS A 159 -13.47 -16.78 6.79
CA CYS A 159 -14.72 -17.45 6.41
C CYS A 159 -15.70 -17.42 7.57
N PRO A 160 -17.01 -17.32 7.28
CA PRO A 160 -17.98 -17.23 8.38
C PRO A 160 -18.03 -18.48 9.27
N VAL A 161 -17.71 -19.63 8.71
CA VAL A 161 -17.83 -20.92 9.42
C VAL A 161 -16.66 -21.17 10.37
N HIS A 162 -15.44 -20.97 9.89
CA HIS A 162 -14.24 -21.28 10.68
C HIS A 162 -13.43 -20.09 11.14
N LYS A 163 -13.79 -18.88 10.69
CA LYS A 163 -13.05 -17.65 11.01
C LYS A 163 -11.59 -17.77 10.54
N ASP A 164 -11.40 -18.31 9.34
CA ASP A 164 -10.07 -18.61 8.84
C ASP A 164 -9.89 -17.92 7.49
N ARG A 165 -8.98 -16.94 7.43
CA ARG A 165 -8.71 -16.23 6.17
C ARG A 165 -8.04 -17.16 5.14
N SER A 166 -7.41 -18.26 5.59
CA SER A 166 -6.81 -19.24 4.69
C SER A 166 -7.62 -20.55 4.64
N CYS A 167 -8.93 -20.44 4.84
CA CYS A 167 -9.78 -21.64 4.83
C CYS A 167 -9.68 -22.35 3.48
N TYR A 168 -9.42 -23.65 3.54
CA TYR A 168 -9.30 -24.51 2.33
C TYR A 168 -10.58 -25.32 2.08
N ILE A 169 -11.53 -25.17 2.99
CA ILE A 169 -12.80 -25.93 2.95
C ILE A 169 -13.94 -25.12 2.32
N CYS A 170 -14.14 -23.91 2.81
CA CYS A 170 -15.29 -23.09 2.45
C CYS A 170 -15.19 -22.59 1.00
N HIS A 171 -16.35 -22.52 0.36
CA HIS A 171 -16.49 -21.99 -0.99
C HIS A 171 -16.47 -20.47 -1.02
N ARG A 172 -15.63 -19.95 -1.91
CA ARG A 172 -15.47 -18.55 -2.15
C ARG A 172 -16.05 -18.21 -3.50
N GLN A 173 -16.40 -16.95 -3.68
CA GLN A 173 -16.81 -16.45 -4.99
C GLN A 173 -16.10 -15.16 -5.38
N LEU A 174 -15.74 -15.06 -6.66
CA LEU A 174 -15.19 -13.84 -7.28
C LEU A 174 -16.03 -13.55 -8.51
N LEU A 175 -16.02 -12.29 -8.94
CA LEU A 175 -16.55 -11.88 -10.24
C LEU A 175 -15.44 -11.60 -11.23
N PHE A 176 -15.66 -12.00 -12.48
CA PHE A 176 -14.80 -11.62 -13.60
C PHE A 176 -15.65 -10.71 -14.45
N CYS A 177 -15.25 -9.45 -14.49
CA CYS A 177 -16.10 -8.34 -14.91
C CYS A 177 -15.60 -7.64 -16.17
N ARG A 178 -16.54 -7.17 -16.97
CA ARG A 178 -16.27 -6.31 -18.11
C ARG A 178 -16.28 -4.87 -17.61
N VAL A 179 -15.13 -4.20 -17.78
CA VAL A 179 -14.93 -2.84 -17.22
C VAL A 179 -14.50 -1.84 -18.28
N THR A 180 -15.18 -0.71 -18.33
CA THR A 180 -14.82 0.40 -19.22
C THR A 180 -13.88 1.38 -18.50
N LEU A 181 -12.63 1.48 -18.99
CA LEU A 181 -11.65 2.40 -18.38
C LEU A 181 -11.64 3.79 -19.03
N GLY A 182 -12.00 3.87 -20.30
CA GLY A 182 -11.83 5.10 -21.07
C GLY A 182 -10.42 5.65 -20.94
N LYS A 183 -10.30 6.96 -20.83
CA LYS A 183 -9.03 7.62 -20.53
C LYS A 183 -8.68 7.46 -19.08
N SER A 184 -7.63 6.71 -18.80
CA SER A 184 -7.31 6.34 -17.42
C SER A 184 -6.13 7.13 -16.90
N PHE A 185 -6.27 7.67 -15.70
CA PHE A 185 -5.20 8.40 -15.04
C PHE A 185 -4.17 7.43 -14.43
N LEU A 186 -2.93 7.55 -14.87
CA LEU A 186 -1.87 6.64 -14.46
C LEU A 186 -1.21 7.14 -13.17
N GLN A 187 -1.28 6.31 -12.14
CA GLN A 187 -0.64 6.55 -10.85
C GLN A 187 0.45 5.53 -10.67
N PHE A 188 1.70 5.97 -10.53
CA PHE A 188 2.80 5.07 -10.29
C PHE A 188 2.77 4.90 -8.75
N SER A 189 2.77 3.70 -8.21
CA SER A 189 2.64 3.57 -6.73
C SER A 189 3.23 2.30 -6.17
N ALA A 190 3.59 2.34 -4.88
CA ALA A 190 4.11 1.17 -4.16
C ALA A 190 2.98 0.17 -3.89
N MET A 193 -19.14 8.11 -3.55
CA MET A 193 -17.87 7.92 -4.27
C MET A 193 -17.23 9.25 -4.66
N ALA A 194 -15.90 9.20 -4.78
CA ALA A 194 -15.15 10.31 -5.33
C ALA A 194 -15.46 10.49 -6.83
N HIS A 195 -14.90 11.54 -7.42
CA HIS A 195 -14.98 11.75 -8.86
C HIS A 195 -13.69 11.27 -9.52
N SER A 196 -13.78 10.86 -10.79
CA SER A 196 -12.60 10.64 -11.59
C SER A 196 -11.81 11.93 -11.65
N PRO A 197 -10.49 11.82 -11.80
CA PRO A 197 -9.69 13.01 -12.06
C PRO A 197 -10.24 13.75 -13.28
N PRO A 198 -10.28 15.09 -13.23
CA PRO A 198 -10.80 15.79 -14.42
C PRO A 198 -10.16 15.34 -15.74
N GLY A 199 -11.01 15.14 -16.74
CA GLY A 199 -10.57 14.74 -18.09
C GLY A 199 -10.26 13.25 -18.21
N HIS A 200 -10.62 12.47 -17.19
CA HIS A 200 -10.37 11.01 -17.16
C HIS A 200 -11.64 10.24 -16.76
N HIS A 201 -11.67 8.94 -17.05
CA HIS A 201 -12.82 8.06 -16.74
C HIS A 201 -12.53 6.96 -15.69
N SER A 202 -11.29 6.88 -15.26
CA SER A 202 -10.82 5.85 -14.32
C SER A 202 -9.42 6.23 -13.85
N VAL A 203 -8.92 5.47 -12.88
CA VAL A 203 -7.53 5.52 -12.44
C VAL A 203 -6.88 4.14 -12.59
N THR A 204 -5.62 4.14 -13.01
CA THR A 204 -4.80 2.93 -13.07
C THR A 204 -3.73 3.00 -11.98
N GLY A 205 -3.68 2.01 -11.11
CA GLY A 205 -2.63 1.88 -10.12
C GLY A 205 -1.56 0.96 -10.69
N ARG A 206 -0.46 1.58 -11.16
CA ARG A 206 0.69 0.84 -11.68
CA ARG A 206 0.70 0.86 -11.67
C ARG A 206 1.62 0.42 -10.54
N PRO A 207 1.96 -0.87 -10.46
CA PRO A 207 2.95 -1.18 -9.41
C PRO A 207 4.33 -0.57 -9.72
N SER A 208 4.95 0.12 -8.73
CA SER A 208 6.31 0.73 -8.85
C SER A 208 7.40 0.11 -7.94
N VAL A 209 7.10 -0.99 -7.27
CA VAL A 209 8.06 -1.64 -6.35
C VAL A 209 8.12 -3.16 -6.58
N ASN A 210 6.96 -3.81 -6.52
CA ASN A 210 6.87 -5.25 -6.72
C ASN A 210 6.78 -5.54 -8.21
N GLY A 211 7.91 -6.02 -8.72
CA GLY A 211 8.03 -6.33 -10.13
C GLY A 211 7.13 -7.42 -10.62
N LEU A 212 6.52 -8.22 -9.73
CA LEU A 212 5.62 -9.27 -10.24
C LEU A 212 4.14 -8.89 -10.19
N ALA A 213 3.81 -7.78 -9.53
CA ALA A 213 2.38 -7.38 -9.38
C ALA A 213 1.81 -6.86 -10.70
N LEU A 214 0.57 -7.23 -11.02
CA LEU A 214 -0.15 -6.65 -12.11
C LEU A 214 -0.91 -5.41 -11.65
N ALA A 215 -1.41 -4.66 -12.62
CA ALA A 215 -2.13 -3.42 -12.34
C ALA A 215 -3.49 -3.64 -11.64
N GLU A 216 -3.91 -2.57 -10.97
CA GLU A 216 -5.23 -2.46 -10.37
C GLU A 216 -5.89 -1.19 -10.91
N TYR A 217 -7.23 -1.15 -10.90
CA TYR A 217 -7.98 -0.11 -11.59
C TYR A 217 -9.14 0.33 -10.70
N VAL A 218 -9.51 1.60 -10.82
CA VAL A 218 -10.65 2.16 -10.08
C VAL A 218 -11.56 2.92 -11.01
N ILE A 219 -12.86 2.65 -10.89
CA ILE A 219 -13.92 3.42 -11.55
C ILE A 219 -14.78 4.12 -10.49
N TYR A 220 -15.41 5.20 -10.91
CA TYR A 220 -16.15 6.07 -9.98
C TYR A 220 -17.62 6.14 -10.36
N ARG A 221 -18.03 5.29 -11.30
CA ARG A 221 -19.42 5.15 -11.75
CA ARG A 221 -19.42 5.13 -11.69
C ARG A 221 -19.70 3.66 -11.84
N GLY A 222 -20.70 3.16 -11.12
CA GLY A 222 -21.05 1.71 -11.21
C GLY A 222 -21.43 1.23 -12.59
N GLU A 223 -21.93 2.14 -13.43
CA GLU A 223 -22.34 1.82 -14.79
C GLU A 223 -21.17 1.45 -15.69
N GLN A 224 -19.94 1.69 -15.24
CA GLN A 224 -18.76 1.34 -16.02
C GLN A 224 -18.24 -0.09 -15.80
N ALA A 225 -19.01 -0.95 -15.11
CA ALA A 225 -18.66 -2.37 -15.00
C ALA A 225 -19.90 -3.24 -15.10
N TYR A 226 -19.74 -4.40 -15.69
CA TYR A 226 -20.79 -5.43 -15.73
C TYR A 226 -20.23 -6.74 -15.14
N PRO A 227 -20.93 -7.38 -14.19
CA PRO A 227 -20.40 -8.57 -13.55
C PRO A 227 -20.69 -9.82 -14.41
N GLU A 228 -19.83 -10.11 -15.37
CA GLU A 228 -20.17 -11.07 -16.40
CA GLU A 228 -20.09 -11.10 -16.44
C GLU A 228 -20.11 -12.55 -15.99
N TYR A 229 -19.14 -12.92 -15.15
CA TYR A 229 -18.97 -14.29 -14.67
C TYR A 229 -18.87 -14.32 -13.15
N LEU A 230 -19.59 -15.28 -12.57
CA LEU A 230 -19.54 -15.59 -11.15
C LEU A 230 -18.79 -16.91 -11.03
N ILE A 231 -17.65 -16.87 -10.37
CA ILE A 231 -16.74 -18.02 -10.25
C ILE A 231 -16.76 -18.49 -8.78
N THR A 232 -17.13 -19.76 -8.57
CA THR A 232 -17.12 -20.37 -7.25
C THR A 232 -15.91 -21.33 -7.15
N TYR A 233 -15.14 -21.21 -6.07
CA TYR A 233 -13.85 -21.89 -5.98
C TYR A 233 -13.41 -22.09 -4.54
N GLN A 234 -12.40 -22.93 -4.37
CA GLN A 234 -11.62 -22.99 -3.13
C GLN A 234 -10.18 -22.65 -3.44
N ILE A 235 -9.48 -22.06 -2.47
CA ILE A 235 -8.02 -22.00 -2.54
C ILE A 235 -7.47 -23.39 -2.19
N MET A 236 -6.36 -23.78 -2.78
CA MET A 236 -5.77 -25.09 -2.52
CA MET A 236 -5.72 -25.09 -2.58
C MET A 236 -4.51 -24.97 -1.67
N ARG A 237 -4.40 -25.84 -0.68
CA ARG A 237 -3.20 -25.89 0.18
C ARG A 237 -2.00 -26.39 -0.64
N PRO A 238 -0.88 -25.65 -0.67
CA PRO A 238 0.31 -26.14 -1.36
C PRO A 238 0.77 -27.46 -0.73
N GLU A 239 1.31 -28.37 -1.52
CA GLU A 239 1.81 -29.64 -0.98
C GLU A 239 3.33 -29.62 -0.83
N GLY B 30 12.32 -12.82 4.17
CA GLY B 30 11.63 -13.10 5.46
C GLY B 30 10.61 -12.05 5.88
N THR B 31 10.55 -10.93 5.16
CA THR B 31 9.68 -9.83 5.59
C THR B 31 8.27 -10.02 5.06
N ILE B 32 7.30 -9.88 5.96
CA ILE B 32 5.91 -9.72 5.60
C ILE B 32 5.41 -8.36 6.08
N LEU B 33 4.51 -7.79 5.29
CA LEU B 33 3.88 -6.51 5.59
C LEU B 33 2.41 -6.69 5.89
N ILE B 34 1.98 -6.20 7.04
CA ILE B 34 0.60 -6.34 7.49
C ILE B 34 -0.10 -4.99 7.54
N ASP B 35 -1.17 -4.82 6.78
CA ASP B 35 -1.89 -3.56 6.75
C ASP B 35 -2.60 -3.32 8.06
N LEU B 36 -2.49 -2.11 8.57
CA LEU B 36 -3.32 -1.67 9.71
C LEU B 36 -4.58 -1.01 9.21
N SER B 37 -5.70 -1.30 9.88
CA SER B 37 -6.96 -0.63 9.55
C SER B 37 -6.97 0.79 10.08
N PRO B 38 -7.51 1.73 9.30
CA PRO B 38 -7.64 3.10 9.81
C PRO B 38 -8.53 3.22 11.05
N ASP B 39 -9.35 2.21 11.32
CA ASP B 39 -10.19 2.20 12.52
C ASP B 39 -9.44 1.71 13.76
N ASP B 40 -8.20 1.26 13.58
CA ASP B 40 -7.35 0.71 14.64
C ASP B 40 -6.64 1.87 15.37
N LYS B 41 -6.64 1.83 16.69
CA LYS B 41 -5.90 2.81 17.48
C LYS B 41 -4.41 2.91 17.10
N GLU B 42 -3.82 1.79 16.70
CA GLU B 42 -2.39 1.78 16.33
C GLU B 42 -2.18 2.63 15.07
N PHE B 43 -3.00 2.44 14.05
CA PHE B 43 -2.96 3.29 12.84
C PHE B 43 -3.09 4.77 13.25
N GLN B 44 -4.09 5.05 14.09
CA GLN B 44 -4.41 6.42 14.46
C GLN B 44 -3.25 7.08 15.21
N SER B 45 -2.55 6.30 16.02
CA SER B 45 -1.46 6.82 16.81
C SER B 45 -0.27 7.19 15.88
N VAL B 46 0.02 6.33 14.92
CA VAL B 46 1.11 6.57 13.98
C VAL B 46 0.76 7.77 13.10
N GLU B 47 -0.47 7.84 12.60
CA GLU B 47 -0.88 9.00 11.81
C GLU B 47 -0.71 10.29 12.63
N GLU B 48 -1.13 10.29 13.90
CA GLU B 48 -1.04 11.51 14.71
C GLU B 48 0.43 11.91 14.92
N GLU B 49 1.31 10.94 15.11
CA GLU B 49 2.74 11.26 15.24
C GLU B 49 3.30 11.88 13.93
N MET B 50 2.91 11.34 12.77
CA MET B 50 3.30 11.94 11.50
C MET B 50 2.79 13.39 11.35
N GLN B 51 1.48 13.59 11.55
CA GLN B 51 0.86 14.89 11.29
C GLN B 51 1.34 15.95 12.29
N SER B 52 1.48 15.55 13.55
CA SER B 52 1.79 16.51 14.62
C SER B 52 3.22 17.00 14.62
N THR B 53 4.09 16.33 13.85
CA THR B 53 5.50 16.69 13.83
C THR B 53 5.94 17.29 12.48
N VAL B 54 4.99 17.72 11.67
CA VAL B 54 5.29 18.59 10.55
C VAL B 54 5.70 19.96 11.06
N ARG B 55 6.77 20.50 10.51
CA ARG B 55 7.16 21.88 10.76
C ARG B 55 7.56 22.60 9.46
N GLU B 56 7.72 23.92 9.53
CA GLU B 56 8.33 24.68 8.44
C GLU B 56 9.84 24.44 8.42
N HIS B 57 10.40 24.43 7.22
CA HIS B 57 11.81 24.25 7.01
C HIS B 57 12.43 25.52 6.41
N ARG B 58 13.69 25.73 6.77
CA ARG B 58 14.46 26.94 6.40
C ARG B 58 14.71 27.10 4.90
N ASP B 59 14.55 26.01 4.14
CA ASP B 59 14.67 26.04 2.68
C ASP B 59 13.41 26.42 1.94
N GLY B 60 12.39 26.83 2.69
CA GLY B 60 11.11 27.28 2.14
C GLY B 60 10.35 26.18 1.41
N GLY B 61 10.72 24.92 1.64
CA GLY B 61 10.12 23.79 0.91
C GLY B 61 10.95 23.20 -0.23
N HIS B 62 12.14 23.75 -0.49
CA HIS B 62 12.95 23.31 -1.60
C HIS B 62 13.16 21.77 -1.65
N ALA B 63 13.55 21.17 -0.54
CA ALA B 63 13.93 19.75 -0.56
C ALA B 63 12.72 18.83 -0.49
N GLY B 64 11.80 19.14 0.43
CA GLY B 64 10.65 18.25 0.72
C GLY B 64 9.31 18.63 0.16
N GLY B 65 9.20 19.87 -0.33
CA GLY B 65 7.94 20.42 -0.79
C GLY B 65 7.24 21.35 0.17
N ILE B 66 6.19 21.99 -0.32
CA ILE B 66 5.39 22.92 0.48
C ILE B 66 4.10 22.26 0.95
N PHE B 67 3.98 22.12 2.26
CA PHE B 67 2.81 21.46 2.87
C PHE B 67 2.78 21.69 4.37
N ASN B 68 1.56 21.59 4.93
CA ASN B 68 1.35 21.64 6.37
C ASN B 68 0.87 20.32 6.97
N ARG B 69 0.43 19.39 6.11
CA ARG B 69 -0.10 18.12 6.54
C ARG B 69 0.00 17.11 5.39
N TYR B 70 -0.25 15.85 5.74
CA TYR B 70 -0.18 14.72 4.79
C TYR B 70 -1.55 14.11 4.55
N ASN B 71 -1.68 13.45 3.39
CA ASN B 71 -2.77 12.48 3.19
C ASN B 71 -2.17 11.09 3.39
N ILE B 72 -2.52 10.43 4.51
CA ILE B 72 -1.98 9.12 4.81
C ILE B 72 -2.81 8.08 4.05
N LEU B 73 -2.15 7.31 3.21
CA LEU B 73 -2.82 6.33 2.36
C LEU B 73 -2.83 4.90 2.92
N LYS B 74 -1.74 4.50 3.58
CA LYS B 74 -1.59 3.17 4.14
C LYS B 74 -0.54 3.20 5.26
N ILE B 75 -0.72 2.34 6.26
CA ILE B 75 0.28 2.09 7.29
C ILE B 75 0.39 0.58 7.46
N GLN B 76 1.59 0.05 7.26
CA GLN B 76 1.89 -1.39 7.36
C GLN B 76 2.86 -1.65 8.47
N LYS B 77 2.57 -2.70 9.22
CA LYS B 77 3.53 -3.29 10.14
C LYS B 77 4.54 -4.18 9.40
N VAL B 78 5.83 -3.99 9.68
CA VAL B 78 6.92 -4.74 9.05
C VAL B 78 7.37 -5.87 9.98
N CYS B 79 7.24 -7.12 9.52
CA CYS B 79 7.49 -8.28 10.35
C CYS B 79 8.59 -9.14 9.74
N ASN B 80 9.72 -9.25 10.43
CA ASN B 80 10.82 -10.09 9.96
C ASN B 80 11.51 -10.63 11.21
N LYS B 81 11.37 -11.93 11.45
CA LYS B 81 11.86 -12.55 12.69
C LYS B 81 13.38 -12.44 12.81
N LYS B 82 14.10 -12.69 11.73
CA LYS B 82 15.56 -12.61 11.72
C LYS B 82 16.03 -11.17 12.04
N LEU B 83 15.45 -10.19 11.35
CA LEU B 83 15.79 -8.78 11.61
C LEU B 83 15.43 -8.33 13.03
N TRP B 84 14.31 -8.78 13.56
CA TRP B 84 13.90 -8.44 14.92
C TRP B 84 14.90 -9.01 15.93
N GLU B 85 15.31 -10.25 15.71
CA GLU B 85 16.25 -10.88 16.63
C GLU B 85 17.61 -10.20 16.60
N ARG B 86 18.08 -9.78 15.42
CA ARG B 86 19.29 -9.01 15.29
C ARG B 86 19.19 -7.69 16.09
N TYR B 87 18.06 -7.00 15.92
CA TYR B 87 17.80 -5.76 16.69
C TYR B 87 17.81 -5.99 18.22
N THR B 88 17.06 -6.98 18.69
CA THR B 88 16.94 -7.23 20.15
C THR B 88 18.25 -7.72 20.79
N HIS B 89 19.08 -8.40 20.02
CA HIS B 89 20.39 -8.86 20.53
C HIS B 89 21.27 -7.63 20.78
N ARG B 90 21.28 -6.71 19.82
CA ARG B 90 22.08 -5.48 19.96
C ARG B 90 21.48 -4.61 21.07
N ARG B 91 20.15 -4.50 21.14
CA ARG B 91 19.49 -3.71 22.19
C ARG B 91 19.93 -4.17 23.58
N LYS B 92 19.98 -5.49 23.79
CA LYS B 92 20.43 -6.04 25.07
C LYS B 92 21.89 -5.70 25.38
N GLU B 93 22.77 -5.79 24.39
CA GLU B 93 24.20 -5.41 24.55
C GLU B 93 24.31 -3.95 24.97
N VAL B 94 23.65 -3.07 24.20
CA VAL B 94 23.66 -1.63 24.50
C VAL B 94 23.04 -1.33 25.88
N SER B 95 21.91 -1.95 26.20
CA SER B 95 21.26 -1.75 27.50
C SER B 95 22.20 -2.08 28.67
N GLU B 96 22.87 -3.22 28.54
CA GLU B 96 23.79 -3.67 29.60
C GLU B 96 24.99 -2.73 29.73
N GLU B 97 25.55 -2.28 28.62
CA GLU B 97 26.63 -1.29 28.62
C GLU B 97 26.24 0.04 29.21
N ASN B 98 24.97 0.41 29.05
CA ASN B 98 24.44 1.68 29.58
C ASN B 98 23.65 1.46 30.86
N HIS B 99 24.07 0.50 31.68
CA HIS B 99 23.53 0.33 33.04
C HIS B 99 22.03 0.09 33.07
N ASN B 100 21.62 -0.87 32.22
CA ASN B 100 20.26 -1.35 32.07
CA ASN B 100 20.25 -1.34 32.10
C ASN B 100 19.29 -0.27 31.54
N HIS B 101 19.75 0.47 30.54
CA HIS B 101 18.91 1.50 29.88
C HIS B 101 19.16 1.51 28.36
N ALA B 102 18.22 0.95 27.60
CA ALA B 102 18.35 0.95 26.14
C ALA B 102 18.19 2.34 25.52
N ASN B 103 17.42 3.20 26.19
CA ASN B 103 17.10 4.54 25.67
C ASN B 103 16.48 4.42 24.27
N GLU B 104 15.42 3.61 24.19
CA GLU B 104 14.77 3.27 22.92
C GLU B 104 13.70 4.29 22.58
N ARG B 105 13.73 4.75 21.32
CA ARG B 105 12.80 5.74 20.79
C ARG B 105 12.08 5.20 19.54
N MET B 106 10.98 5.84 19.20
CA MET B 106 10.35 5.72 17.89
C MET B 106 10.65 7.01 17.12
N LEU B 107 11.25 6.86 15.93
CA LEU B 107 11.76 7.96 15.12
C LEU B 107 11.53 7.75 13.64
N PHE B 108 11.39 8.85 12.89
CA PHE B 108 11.20 8.77 11.44
C PHE B 108 12.50 8.55 10.67
N HIS B 109 12.38 7.88 9.51
CA HIS B 109 13.48 7.74 8.57
C HIS B 109 12.95 7.80 7.14
N GLY B 110 13.51 8.70 6.35
CA GLY B 110 13.18 8.86 4.94
C GLY B 110 14.41 8.47 4.15
N SER B 111 14.26 7.75 3.03
CA SER B 111 15.43 7.28 2.30
C SER B 111 15.06 6.75 0.92
N PRO B 112 15.92 6.97 -0.06
CA PRO B 112 15.71 6.28 -1.33
C PRO B 112 15.87 4.75 -1.25
N PHE B 113 16.41 4.22 -0.14
CA PHE B 113 16.64 2.77 0.01
C PHE B 113 15.57 2.04 0.84
N VAL B 114 14.42 2.70 1.06
CA VAL B 114 13.36 2.17 1.92
C VAL B 114 12.97 0.73 1.53
N ASN B 115 12.89 0.44 0.22
CA ASN B 115 12.52 -0.91 -0.20
C ASN B 115 13.59 -1.95 0.18
N ALA B 116 14.86 -1.59 0.12
CA ALA B 116 15.93 -2.48 0.61
C ALA B 116 15.94 -2.63 2.14
N ILE B 117 15.67 -1.54 2.85
CA ILE B 117 15.72 -1.59 4.28
C ILE B 117 14.70 -2.56 4.90
N ILE B 118 13.48 -2.57 4.37
CA ILE B 118 12.43 -3.37 4.99
C ILE B 118 12.69 -4.89 4.75
N HIS B 119 13.50 -5.20 3.74
CA HIS B 119 13.80 -6.62 3.41
C HIS B 119 15.09 -7.11 3.99
N LYS B 120 16.09 -6.24 4.07
CA LYS B 120 17.45 -6.63 4.40
C LYS B 120 17.92 -6.04 5.73
N GLY B 121 17.18 -5.06 6.25
CA GLY B 121 17.57 -4.36 7.48
C GLY B 121 18.47 -3.18 7.18
N PHE B 122 18.69 -2.34 8.19
CA PHE B 122 19.62 -1.24 8.06
C PHE B 122 21.07 -1.74 8.07
N ASP B 123 21.90 -1.16 7.21
CA ASP B 123 23.34 -1.42 7.25
C ASP B 123 24.10 -0.23 6.68
N GLU B 124 25.41 -0.40 6.47
CA GLU B 124 26.25 0.75 6.08
C GLU B 124 25.87 1.39 4.74
N ARG B 125 25.16 0.64 3.89
CA ARG B 125 24.72 1.17 2.60
C ARG B 125 23.68 2.28 2.78
N HIS B 126 23.10 2.37 3.97
CA HIS B 126 21.96 3.29 4.23
C HIS B 126 22.36 4.52 5.02
N ALA B 127 23.66 4.67 5.25
CA ALA B 127 24.21 5.82 5.95
C ALA B 127 24.26 7.09 5.09
N TYR B 128 24.19 8.22 5.78
CA TYR B 128 24.38 9.54 5.18
C TYR B 128 25.83 9.90 5.40
N ILE B 129 26.64 9.65 4.37
CA ILE B 129 28.09 9.74 4.52
C ILE B 129 28.49 11.16 4.90
N GLY B 130 27.84 12.17 4.30
CA GLY B 130 28.18 13.57 4.57
C GLY B 130 27.34 14.29 5.61
N GLY B 131 26.67 13.55 6.49
CA GLY B 131 25.86 14.17 7.52
C GLY B 131 26.73 14.96 8.49
N MET B 132 26.13 15.97 9.11
CA MET B 132 26.87 16.87 10.03
C MET B 132 27.39 16.20 11.30
N PHE B 133 26.89 15.02 11.64
CA PHE B 133 27.41 14.26 12.78
C PHE B 133 28.19 13.00 12.36
N GLY B 134 28.73 13.02 11.14
CA GLY B 134 29.54 11.93 10.65
C GLY B 134 28.72 10.92 9.90
N ALA B 135 29.44 9.98 9.30
CA ALA B 135 28.84 8.93 8.47
C ALA B 135 28.13 7.94 9.37
N GLY B 136 26.81 8.00 9.38
CA GLY B 136 25.98 7.13 10.19
C GLY B 136 24.57 7.17 9.63
N ILE B 137 23.65 6.47 10.28
CA ILE B 137 22.26 6.40 9.83
C ILE B 137 21.43 7.41 10.67
N TYR B 138 20.73 8.30 9.98
CA TYR B 138 20.09 9.46 10.60
C TYR B 138 18.57 9.26 10.73
N PHE B 139 18.02 9.70 11.86
CA PHE B 139 16.60 9.66 12.16
C PHE B 139 16.12 11.00 12.68
N ALA B 140 14.82 11.24 12.56
CA ALA B 140 14.23 12.54 12.96
C ALA B 140 13.00 12.39 13.81
N GLU B 141 12.85 13.29 14.81
CA GLU B 141 11.59 13.47 15.50
C GLU B 141 10.55 14.17 14.62
N ASN B 142 10.97 15.09 13.75
CA ASN B 142 10.05 15.74 12.80
C ASN B 142 9.85 14.87 11.56
N SER B 143 8.63 14.40 11.32
CA SER B 143 8.32 13.66 10.10
C SER B 143 8.74 14.44 8.85
N SER B 144 8.50 15.76 8.85
CA SER B 144 8.82 16.63 7.72
C SER B 144 10.32 16.73 7.44
N LYS B 145 11.16 16.49 8.43
CA LYS B 145 12.62 16.42 8.21
C LYS B 145 12.96 15.15 7.42
N SER B 146 12.43 14.01 7.86
CA SER B 146 12.64 12.76 7.08
C SER B 146 12.05 12.83 5.66
N ASN B 147 10.92 13.51 5.49
CA ASN B 147 10.32 13.72 4.16
C ASN B 147 11.31 14.37 3.15
N GLN B 148 12.21 15.18 3.67
CA GLN B 148 13.24 15.83 2.84
C GLN B 148 14.20 14.84 2.17
N TYR B 149 14.23 13.57 2.59
CA TYR B 149 15.19 12.58 2.11
C TYR B 149 14.55 11.43 1.31
N VAL B 150 13.23 11.49 1.13
CA VAL B 150 12.48 10.43 0.41
C VAL B 150 12.99 10.22 -1.03
N TYR B 151 13.31 11.33 -1.69
CA TYR B 151 13.82 11.32 -3.05
C TYR B 151 15.33 11.54 -3.12
N GLY B 152 15.99 11.39 -1.97
CA GLY B 152 17.45 11.53 -1.85
C GLY B 152 17.86 12.76 -1.07
N ILE B 153 19.17 12.89 -0.89
CA ILE B 153 19.74 14.06 -0.18
C ILE B 153 19.30 15.35 -0.89
N GLY B 154 18.82 16.33 -0.12
CA GLY B 154 18.31 17.58 -0.70
C GLY B 154 17.04 17.40 -1.51
N GLY B 155 16.39 16.25 -1.36
CA GLY B 155 15.24 15.87 -2.18
C GLY B 155 15.59 15.42 -3.60
N GLY B 156 16.89 15.24 -3.91
CA GLY B 156 17.29 14.82 -5.24
C GLY B 156 16.69 15.68 -6.32
N THR B 157 16.15 15.03 -7.36
CA THR B 157 15.43 15.72 -8.43
C THR B 157 13.91 15.56 -8.28
N GLY B 158 13.45 15.18 -7.09
CA GLY B 158 12.04 15.03 -6.80
C GLY B 158 11.49 13.69 -7.30
N CYS B 159 10.19 13.65 -7.51
CA CYS B 159 9.56 12.37 -7.84
C CYS B 159 10.05 11.93 -9.21
N PRO B 160 10.10 10.62 -9.44
CA PRO B 160 10.52 10.07 -10.74
C PRO B 160 9.66 10.53 -11.91
N VAL B 161 8.34 10.56 -11.73
CA VAL B 161 7.41 10.82 -12.84
C VAL B 161 7.43 12.28 -13.30
N HIS B 162 7.48 13.25 -12.37
CA HIS B 162 7.30 14.67 -12.67
C HIS B 162 8.55 15.50 -12.37
N LYS B 163 9.58 14.89 -11.80
CA LYS B 163 10.78 15.60 -11.36
C LYS B 163 10.43 16.82 -10.48
N ASP B 164 9.52 16.61 -9.53
CA ASP B 164 8.96 17.68 -8.72
C ASP B 164 9.17 17.34 -7.23
N ARG B 165 10.05 18.07 -6.55
CA ARG B 165 10.27 17.83 -5.12
C ARG B 165 9.01 18.13 -4.27
N SER B 166 8.07 18.93 -4.81
CA SER B 166 6.84 19.26 -4.10
C SER B 166 5.63 18.56 -4.75
N CYS B 167 5.88 17.42 -5.37
CA CYS B 167 4.79 16.69 -6.05
C CYS B 167 3.69 16.33 -5.06
N TYR B 168 2.46 16.65 -5.44
CA TYR B 168 1.24 16.37 -4.63
C TYR B 168 0.49 15.15 -5.17
N ILE B 169 0.99 14.58 -6.26
CA ILE B 169 0.31 13.46 -6.93
C ILE B 169 0.95 12.14 -6.49
N CYS B 170 2.27 12.04 -6.60
CA CYS B 170 2.97 10.77 -6.43
C CYS B 170 3.02 10.34 -4.97
N HIS B 171 2.84 9.05 -4.75
CA HIS B 171 2.91 8.44 -3.42
C HIS B 171 4.32 8.33 -2.89
N ARG B 172 4.52 8.74 -1.63
CA ARG B 172 5.79 8.64 -0.95
C ARG B 172 5.71 7.60 0.15
N GLN B 173 6.87 7.15 0.59
CA GLN B 173 6.98 6.26 1.75
C GLN B 173 8.01 6.74 2.76
N LEU B 174 7.67 6.62 4.04
CA LEU B 174 8.55 6.89 5.21
C LEU B 174 8.51 5.68 6.12
N LEU B 175 9.56 5.50 6.93
CA LEU B 175 9.57 4.49 7.96
C LEU B 175 9.44 5.16 9.32
N PHE B 176 8.74 4.49 10.25
CA PHE B 176 8.69 4.94 11.64
C PHE B 176 9.32 3.77 12.40
N CYS B 177 10.48 4.02 13.01
CA CYS B 177 11.42 2.97 13.41
C CYS B 177 11.65 2.95 14.91
N ARG B 178 11.90 1.76 15.42
CA ARG B 178 12.37 1.57 16.79
C ARG B 178 13.90 1.73 16.75
N VAL B 179 14.42 2.66 17.55
CA VAL B 179 15.84 2.98 17.52
C VAL B 179 16.42 2.95 18.93
N THR B 180 17.52 2.19 19.09
CA THR B 180 18.21 2.09 20.40
C THR B 180 19.31 3.16 20.45
N LEU B 181 19.17 4.14 21.35
CA LEU B 181 20.18 5.23 21.44
C LEU B 181 21.28 4.97 22.45
N GLY B 182 21.02 4.16 23.44
CA GLY B 182 21.94 3.94 24.55
C GLY B 182 22.38 5.26 25.17
N LYS B 183 23.67 5.35 25.50
CA LYS B 183 24.27 6.60 25.96
C LYS B 183 24.51 7.49 24.77
N SER B 184 23.77 8.59 24.66
CA SER B 184 23.77 9.42 23.47
C SER B 184 24.59 10.68 23.69
N PHE B 185 25.49 10.99 22.77
CA PHE B 185 26.31 12.19 22.90
C PHE B 185 25.49 13.39 22.43
N LEU B 186 25.30 14.37 23.30
CA LEU B 186 24.52 15.56 22.94
C LEU B 186 25.36 16.59 22.19
N GLN B 187 24.96 16.88 20.96
CA GLN B 187 25.62 17.87 20.16
C GLN B 187 24.59 18.94 19.81
N PHE B 188 24.82 20.16 20.26
CA PHE B 188 23.99 21.27 19.83
C PHE B 188 24.43 21.66 18.43
N SER B 189 23.47 22.01 17.59
CA SER B 189 23.80 22.29 16.19
C SER B 189 23.19 23.62 15.87
N ALA B 190 23.83 24.36 14.98
CA ALA B 190 23.48 25.74 14.78
C ALA B 190 22.25 25.91 13.88
N MET B 191 21.59 24.80 13.58
CA MET B 191 20.38 24.82 12.76
C MET B 191 19.15 25.29 13.57
N LYS B 192 18.14 25.73 13.01
N MET B 193 31.16 3.67 7.38
CA MET B 193 30.38 4.23 8.52
C MET B 193 31.31 4.59 9.68
N ALA B 194 31.15 5.79 10.23
CA ALA B 194 32.00 6.28 11.32
C ALA B 194 31.73 5.51 12.61
N HIS B 195 32.55 5.77 13.62
CA HIS B 195 32.35 5.14 14.93
C HIS B 195 31.63 6.13 15.84
N SER B 196 30.89 5.57 16.80
CA SER B 196 30.21 6.38 17.79
C SER B 196 31.28 7.03 18.70
N PRO B 197 30.97 8.20 19.29
CA PRO B 197 31.90 8.79 20.26
C PRO B 197 32.26 7.79 21.36
N PRO B 198 33.54 7.75 21.77
CA PRO B 198 33.96 6.88 22.86
C PRO B 198 33.01 6.89 24.07
N GLY B 199 32.58 5.70 24.48
CA GLY B 199 31.72 5.57 25.64
C GLY B 199 30.26 5.85 25.32
N HIS B 200 29.96 6.14 24.06
CA HIS B 200 28.58 6.45 23.62
C HIS B 200 28.10 5.49 22.52
N HIS B 201 26.77 5.41 22.38
CA HIS B 201 26.15 4.53 21.38
C HIS B 201 25.42 5.26 20.23
N SER B 202 25.35 6.57 20.30
CA SER B 202 24.66 7.36 19.32
C SER B 202 24.98 8.82 19.59
N VAL B 203 24.52 9.67 18.68
CA VAL B 203 24.61 11.13 18.83
C VAL B 203 23.22 11.73 18.71
N THR B 204 22.96 12.73 19.56
CA THR B 204 21.73 13.53 19.52
C THR B 204 22.11 14.91 18.97
N GLY B 205 21.55 15.28 17.83
CA GLY B 205 21.79 16.56 17.21
C GLY B 205 20.63 17.43 17.55
N ARG B 206 20.86 18.45 18.37
CA ARG B 206 19.75 19.26 18.87
C ARG B 206 19.82 20.67 18.35
N PRO B 207 18.86 21.06 17.50
CA PRO B 207 18.87 22.40 16.96
C PRO B 207 18.86 23.47 18.07
N SER B 208 19.80 24.40 18.02
CA SER B 208 19.88 25.43 19.05
C SER B 208 19.39 26.81 18.57
N VAL B 209 19.15 27.01 17.27
CA VAL B 209 18.65 28.30 16.76
C VAL B 209 17.13 28.30 16.51
N ASN B 210 16.66 27.32 15.73
CA ASN B 210 15.22 27.18 15.48
C ASN B 210 14.57 26.44 16.64
N GLY B 211 13.83 27.18 17.45
CA GLY B 211 13.26 26.65 18.68
C GLY B 211 12.10 25.69 18.45
N LEU B 212 11.57 25.65 17.23
CA LEU B 212 10.52 24.71 16.92
C LEU B 212 11.05 23.45 16.24
N ALA B 213 12.34 23.41 15.91
CA ALA B 213 12.90 22.23 15.25
C ALA B 213 13.22 21.18 16.31
N LEU B 214 12.77 19.94 16.08
CA LEU B 214 13.01 18.86 17.01
C LEU B 214 14.38 18.18 16.73
N ALA B 215 14.77 17.24 17.57
CA ALA B 215 16.08 16.61 17.47
C ALA B 215 16.20 15.62 16.32
N GLU B 216 17.45 15.38 15.96
CA GLU B 216 17.84 14.39 14.97
C GLU B 216 18.84 13.49 15.67
N TYR B 217 18.90 12.24 15.26
CA TYR B 217 19.69 11.22 15.96
C TYR B 217 20.47 10.41 14.94
N VAL B 218 21.70 10.04 15.32
CA VAL B 218 22.59 9.26 14.47
C VAL B 218 23.04 8.01 15.23
N ILE B 219 22.91 6.86 14.56
CA ILE B 219 23.49 5.59 15.01
C ILE B 219 24.54 5.15 14.01
N TYR B 220 25.49 4.35 14.49
CA TYR B 220 26.65 3.92 13.70
C TYR B 220 26.71 2.42 13.50
N ARG B 221 25.64 1.75 13.87
CA ARG B 221 25.46 0.31 13.68
C ARG B 221 24.03 0.11 13.19
N GLY B 222 23.83 -0.59 12.08
CA GLY B 222 22.47 -0.85 11.59
C GLY B 222 21.59 -1.67 12.50
N GLU B 223 22.19 -2.52 13.34
CA GLU B 223 21.46 -3.34 14.29
C GLU B 223 20.77 -2.56 15.43
N GLN B 224 21.06 -1.27 15.57
CA GLN B 224 20.38 -0.42 16.55
C GLN B 224 19.09 0.22 16.04
N ALA B 225 18.60 -0.21 14.88
CA ALA B 225 17.27 0.22 14.43
C ALA B 225 16.47 -0.92 13.77
N TYR B 226 15.16 -0.87 13.94
CA TYR B 226 14.23 -1.83 13.35
C TYR B 226 13.13 -1.04 12.63
N PRO B 227 12.89 -1.33 11.33
CA PRO B 227 11.91 -0.55 10.54
C PRO B 227 10.46 -0.97 10.83
N GLU B 228 9.90 -0.54 11.93
CA GLU B 228 8.65 -1.13 12.44
C GLU B 228 7.38 -0.85 11.62
N TYR B 229 7.23 0.36 11.13
CA TYR B 229 6.08 0.77 10.32
C TYR B 229 6.53 1.38 8.99
N LEU B 230 5.81 1.03 7.93
CA LEU B 230 5.98 1.57 6.58
C LEU B 230 4.74 2.36 6.27
N ILE B 231 4.94 3.67 6.05
CA ILE B 231 3.84 4.62 5.88
C ILE B 231 3.84 5.14 4.45
N THR B 232 2.71 4.99 3.76
CA THR B 232 2.54 5.46 2.39
C THR B 232 1.62 6.68 2.43
N TYR B 233 2.02 7.77 1.76
CA TYR B 233 1.36 9.05 1.91
C TYR B 233 1.61 9.99 0.71
N GLN B 234 0.79 11.04 0.66
CA GLN B 234 1.06 12.22 -0.17
C GLN B 234 1.23 13.45 0.74
N ILE B 235 2.06 14.40 0.32
CA ILE B 235 2.00 15.73 0.92
C ILE B 235 0.77 16.44 0.33
N MET B 236 0.13 17.31 1.12
CA MET B 236 -1.05 18.03 0.67
CA MET B 236 -1.08 18.06 0.73
C MET B 236 -0.75 19.50 0.36
N ARG B 237 -1.32 19.98 -0.73
CA ARG B 237 -1.16 21.41 -1.11
C ARG B 237 -1.96 22.30 -0.15
N PRO B 238 -1.31 23.31 0.48
CA PRO B 238 -2.04 24.17 1.42
C PRO B 238 -3.19 24.88 0.70
N GLU B 239 -4.31 25.05 1.40
CA GLU B 239 -5.51 25.69 0.82
C GLU B 239 -5.28 27.17 0.58
N GLY B 240 -7.71 22.22 0.54
ZN ZN C . -14.13 -22.11 6.41
S SO4 D . 0.33 -6.95 -2.30
O1 SO4 D . -1.03 -7.41 -2.29
O2 SO4 D . 0.41 -6.02 -3.47
O3 SO4 D . 0.61 -6.06 -1.17
O4 SO4 D . 1.36 -8.00 -2.50
S SO4 E . 0.74 -26.57 -5.35
O1 SO4 E . 0.95 -26.90 -6.78
O2 SO4 E . 1.22 -27.66 -4.48
O3 SO4 E . -0.73 -26.36 -5.12
O4 SO4 E . 1.49 -25.35 -5.03
O1 08C F . -11.39 -6.88 -5.96
C13 08C F . -11.17 -5.91 -5.19
N1 08C F . -12.12 -5.60 -4.23
C6 08C F . -11.94 -4.57 -3.31
C3 08C F . -12.96 -4.26 -2.37
C4 08C F . -14.28 -4.66 -2.58
C5 08C F . -15.31 -4.33 -1.68
C 08C F . -15.03 -3.54 -0.57
O 08C F . -16.12 -3.25 0.25
C1 08C F . -13.73 -3.07 -0.38
C2 08C F . -12.70 -3.42 -1.26
N 08C F . -10.82 -3.85 -3.33
C7 08C F . -9.84 -4.13 -4.24
C8 08C F . -10.01 -5.11 -5.23
C12 08C F . -8.68 -3.35 -4.24
C11 08C F . -7.67 -3.57 -5.17
C10 08C F . -7.83 -4.59 -6.13
C9 08C F . -9.00 -5.34 -6.15
CAA 08C F . -15.89 -2.46 1.40
C1 GOL G . 9.73 -3.53 -11.37
O1 GOL G . 9.90 -3.30 -9.99
C2 GOL G . 8.71 -2.55 -11.90
O2 GOL G . 9.51 -1.53 -12.56
C3 GOL G . 7.83 -1.99 -10.77
O3 GOL G . 6.92 -3.02 -10.29
C1 PEG H . -26.65 -11.02 -20.94
O1 PEG H . -27.66 -10.17 -20.34
C2 PEG H . -25.44 -10.18 -21.35
O2 PEG H . -24.24 -10.68 -20.75
C3 PEG H . -23.24 -11.03 -21.69
C4 PEG H . -22.61 -9.78 -22.30
O4 PEG H . -21.40 -10.08 -23.00
C1 GOL I . 1.15 -13.67 -13.29
O1 GOL I . 0.44 -13.84 -12.04
C2 GOL I . 2.38 -12.79 -13.09
O2 GOL I . 3.61 -13.47 -13.42
C3 GOL I . 2.45 -12.37 -11.63
O3 GOL I . 1.47 -11.35 -11.37
C1 GOL J . 1.17 -17.46 -0.01
O1 GOL J . 0.47 -17.86 -1.20
C2 GOL J . 2.24 -16.43 -0.36
O2 GOL J . 3.39 -16.49 0.50
C3 GOL J . 1.65 -15.04 -0.22
O3 GOL J . 0.47 -14.94 -1.01
ZN ZN K . 5.13 13.22 -9.18
S SO4 L . 15.74 22.82 8.23
O1 SO4 L . 15.26 21.71 7.41
O2 SO4 L . 16.11 22.17 9.49
O3 SO4 L . 14.68 23.80 8.55
O4 SO4 L . 17.01 23.42 7.78
S SO4 M . -3.86 23.45 4.88
O1 SO4 M . -4.86 24.07 4.00
O2 SO4 M . -4.41 23.18 6.22
O3 SO4 M . -2.76 24.42 5.00
O4 SO4 M . -3.38 22.16 4.31
O1 08C N . 15.39 10.47 7.67
C13 08C N . 16.52 10.92 7.37
N1 08C N . 17.18 10.33 6.31
C6 08C N . 18.44 10.78 5.88
C3 08C N . 19.09 10.13 4.81
C4 08C N . 20.23 10.68 4.25
C5 08C N . 20.93 10.03 3.23
C 08C N . 20.50 8.79 2.76
O 08C N . 21.09 8.06 1.75
C1 08C N . 19.37 8.22 3.33
C2 08C N . 18.69 8.87 4.35
N 08C N . 19.03 11.80 6.54
C7 08C N . 18.44 12.40 7.60
C8 08C N . 17.20 11.95 8.07
C12 08C N . 19.10 13.46 8.24
C11 08C N . 18.50 14.06 9.32
C10 08C N . 17.27 13.61 9.81
C9 08C N . 16.62 12.57 9.18
CAA 08C N . 22.35 8.55 1.28
C1 GOL O . 6.60 25.11 3.22
O1 GOL O . 5.85 24.04 3.82
C2 GOL O . 7.25 25.96 4.29
O2 GOL O . 7.44 27.29 3.79
C3 GOL O . 8.59 25.36 4.67
O3 GOL O . 8.55 23.94 4.65
#